data_5UPL
#
_entry.id   5UPL
#
_cell.length_a   141.652
_cell.length_b   141.652
_cell.length_c   62.093
_cell.angle_alpha   90.00
_cell.angle_beta   90.00
_cell.angle_gamma   120.00
#
_symmetry.space_group_name_H-M   'P 63'
#
loop_
_entity.id
_entity.type
_entity.pdbx_description
1 polymer 'Serine/threonine-protein kinase PAK 4'
2 polymer 'Cell division control protein 42 homolog'
#
loop_
_entity_poly.entity_id
_entity_poly.type
_entity_poly.pdbx_seq_one_letter_code
_entity_poly.pdbx_strand_id
1 'polypeptide(L)'
;MGSSHHHHHHSSGLVPRGSHMENLYFQGFGKRKKRVEISAPSNFEHRVHTGFDQHEQKFTGLPRQWQSLIEESARRPKPL
VDPACITSIQPGAPKTIVRGSKGAKDGALTLLLDEFENMSVTRSNSLRRDSPPPPARARQENGMPEKPPGPRSPQREPQR
VSHEQFRAALQLVVDPGDPRSYLDNFIKIGEGSTGIVCIATVRSSGKLVAVKKMDLRKQQRRELLFNEVVIMRDYQHENV
VEMYNSYLVGDELWVVMEFLEGGALTDIVTHTRMNEEQIAAVCLAVLQALSVLHAQGVIHRDIKSDSILLTHDGRVKLSD
FGFCAQVSKEVPRRK(SEP)LVGTPYWMAPELISRLPYGPEVDIWSLGIMVIEMVDGEPPYFNEPPLKAMKMIRDNLPPR
LKNLHKVSPSLKGFLDRLLVRDPAQRATAAELLKHPFLAKAGPPASIVPLMRQNRTR
;
A
2 'polypeptide(L)'
;MQTIKCVVVGDGAVGKTCLLISYTTNKFPSEYVPTVFDNYAVTVMIGGEPYTLGLFDTAGQEDYDRLRPLSYPQTDVFLV
CFSVVSPSSFENVKEKWVPEITHHCPKTPFLLVGTQIDLRDDPSTIEKLAKNKQKPITPETAEKLARDLKAVKYVECSAL
TQKGLKNVFDEAILAALLEHHHHHH
;
B
#
# COMPACT_ATOMS: atom_id res chain seq x y z
N VAL A 161 -13.98 0.02 19.97
CA VAL A 161 -13.50 0.82 21.16
C VAL A 161 -12.50 1.91 20.73
N SER A 162 -11.43 1.50 20.04
CA SER A 162 -10.41 2.43 19.50
C SER A 162 -10.99 3.53 18.60
N HIS A 163 -12.16 3.27 18.01
CA HIS A 163 -12.96 4.31 17.38
C HIS A 163 -12.89 5.64 18.13
N GLU A 164 -13.41 5.65 19.35
CA GLU A 164 -13.54 6.87 20.16
C GLU A 164 -12.25 7.65 20.29
N GLN A 165 -11.17 6.93 20.56
CA GLN A 165 -9.86 7.54 20.66
C GLN A 165 -9.52 8.23 19.33
N PHE A 166 -9.86 7.58 18.22
CA PHE A 166 -9.58 8.11 16.89
C PHE A 166 -10.47 9.28 16.53
N ARG A 167 -11.75 9.15 16.82
CA ARG A 167 -12.67 10.22 16.53
C ARG A 167 -12.27 11.48 17.29
N ALA A 168 -11.75 11.27 18.49
CA ALA A 168 -11.34 12.38 19.35
C ALA A 168 -10.12 13.08 18.77
N ALA A 169 -9.14 12.28 18.37
CA ALA A 169 -7.93 12.82 17.76
C ALA A 169 -8.28 13.73 16.60
N LEU A 170 -9.10 13.17 15.72
CA LEU A 170 -9.61 13.90 14.58
C LEU A 170 -10.32 15.18 14.92
N GLN A 171 -11.25 15.16 15.88
CA GLN A 171 -11.90 16.40 16.26
C GLN A 171 -10.92 17.57 16.50
N LEU A 172 -9.78 17.27 17.11
CA LEU A 172 -8.81 18.30 17.52
C LEU A 172 -8.02 18.85 16.35
N VAL A 173 -7.97 18.08 15.30
CA VAL A 173 -7.20 18.41 14.14
C VAL A 173 -8.01 19.21 13.11
N VAL A 174 -9.30 18.90 12.97
CA VAL A 174 -10.20 19.61 12.05
C VAL A 174 -10.63 21.01 12.53
N ASP A 175 -11.38 21.69 11.66
CA ASP A 175 -11.99 22.98 11.96
C ASP A 175 -13.32 22.66 12.68
N PRO A 176 -13.66 23.41 13.73
CA PRO A 176 -14.83 23.02 14.53
C PRO A 176 -16.21 23.15 13.83
N GLY A 177 -17.19 22.37 14.29
CA GLY A 177 -18.56 22.49 13.82
C GLY A 177 -18.88 21.89 12.45
N ASP A 178 -19.98 22.34 11.86
CA ASP A 178 -20.63 21.70 10.71
C ASP A 178 -20.70 22.73 9.57
N PRO A 179 -20.50 22.26 8.33
CA PRO A 179 -20.57 23.13 7.12
C PRO A 179 -21.96 23.20 6.44
N ARG A 180 -22.87 22.30 6.83
CA ARG A 180 -24.26 22.38 6.42
C ARG A 180 -24.83 23.71 6.90
N SER A 181 -24.08 24.34 7.79
CA SER A 181 -24.40 25.69 8.24
C SER A 181 -24.19 26.73 7.13
N TYR A 182 -23.29 26.47 6.18
CA TYR A 182 -23.07 27.51 5.13
C TYR A 182 -23.23 26.93 3.72
N LEU A 183 -23.58 25.64 3.61
CA LEU A 183 -23.71 24.99 2.30
C LEU A 183 -25.03 24.28 2.09
N ASP A 184 -25.63 24.48 0.92
CA ASP A 184 -26.81 23.78 0.51
C ASP A 184 -26.47 22.76 -0.57
N ASN A 185 -27.39 21.86 -0.83
CA ASN A 185 -27.49 21.18 -2.11
C ASN A 185 -26.40 20.14 -2.30
N PHE A 186 -26.20 19.37 -1.26
CA PHE A 186 -25.24 18.28 -1.33
C PHE A 186 -25.73 17.21 -2.33
N ILE A 187 -24.96 16.93 -3.39
CA ILE A 187 -25.29 15.87 -4.32
C ILE A 187 -24.04 15.09 -4.69
N LYS A 188 -24.10 13.77 -4.55
CA LYS A 188 -23.00 12.89 -4.94
C LYS A 188 -22.63 13.02 -6.41
N ILE A 189 -21.33 12.91 -6.66
CA ILE A 189 -20.67 13.13 -7.96
C ILE A 189 -19.93 11.88 -8.37
N GLY A 190 -19.21 11.28 -7.43
CA GLY A 190 -18.63 9.98 -7.66
C GLY A 190 -18.21 9.40 -6.34
N GLU A 191 -17.48 8.30 -6.43
CA GLU A 191 -16.81 7.70 -5.29
C GLU A 191 -15.28 7.86 -5.48
N GLY A 192 -14.56 7.77 -4.38
CA GLY A 192 -13.15 7.50 -4.41
C GLY A 192 -13.06 6.03 -4.00
N SER A 193 -11.94 5.65 -3.41
CA SER A 193 -11.80 4.34 -2.80
C SER A 193 -12.01 4.44 -1.28
N THR A 194 -11.93 5.66 -0.76
CA THR A 194 -12.12 5.98 0.67
C THR A 194 -13.48 6.58 1.09
N GLY A 195 -14.23 7.15 0.14
CA GLY A 195 -15.56 7.69 0.43
C GLY A 195 -16.13 8.49 -0.72
N ILE A 196 -17.36 8.94 -0.60
CA ILE A 196 -18.00 9.64 -1.71
C ILE A 196 -17.53 11.10 -1.89
N VAL A 197 -17.81 11.67 -3.06
CA VAL A 197 -17.54 13.06 -3.33
C VAL A 197 -18.87 13.73 -3.70
N CYS A 198 -19.22 14.79 -2.97
CA CYS A 198 -20.39 15.57 -3.29
C CYS A 198 -20.02 16.92 -3.81
N ILE A 199 -20.96 17.49 -4.53
CA ILE A 199 -20.90 18.89 -4.83
C ILE A 199 -21.84 19.63 -3.86
N ALA A 200 -21.62 20.91 -3.69
CA ALA A 200 -22.41 21.67 -2.75
C ALA A 200 -22.28 23.13 -3.09
N THR A 201 -23.14 23.93 -2.48
CA THR A 201 -23.33 25.30 -2.89
C THR A 201 -23.18 26.21 -1.69
N VAL A 202 -22.25 27.17 -1.75
CA VAL A 202 -22.13 28.13 -0.67
C VAL A 202 -23.33 29.06 -0.74
N ARG A 203 -24.17 28.99 0.30
CA ARG A 203 -25.46 29.65 0.32
C ARG A 203 -25.40 31.15 0.06
N SER A 204 -24.36 31.81 0.58
CA SER A 204 -24.28 33.27 0.52
C SER A 204 -23.67 33.87 -0.76
N SER A 205 -23.14 33.01 -1.62
CA SER A 205 -22.54 33.45 -2.87
C SER A 205 -23.06 32.64 -4.04
N GLY A 206 -23.47 31.41 -3.75
CA GLY A 206 -24.02 30.52 -4.77
C GLY A 206 -22.86 29.83 -5.46
N LYS A 207 -21.66 30.01 -4.91
CA LYS A 207 -20.45 29.40 -5.46
C LYS A 207 -20.43 27.92 -5.16
N LEU A 208 -19.85 27.18 -6.10
CA LEU A 208 -19.75 25.75 -6.03
C LEU A 208 -18.43 25.30 -5.39
N VAL A 209 -18.54 24.31 -4.51
CA VAL A 209 -17.42 23.64 -3.91
C VAL A 209 -17.69 22.14 -3.98
N ALA A 210 -16.65 21.35 -3.77
CA ALA A 210 -16.83 19.93 -3.75
C ALA A 210 -16.60 19.57 -2.32
N VAL A 211 -17.01 18.37 -1.90
CA VAL A 211 -16.89 17.87 -0.53
C VAL A 211 -16.66 16.37 -0.54
N LYS A 212 -15.58 15.98 0.13
CA LYS A 212 -15.24 14.59 0.21
C LYS A 212 -15.70 14.18 1.56
N LYS A 213 -16.51 13.13 1.62
CA LYS A 213 -17.01 12.56 2.87
C LYS A 213 -16.45 11.20 2.99
N MET A 214 -15.91 10.89 4.18
CA MET A 214 -15.29 9.61 4.47
C MET A 214 -15.69 9.09 5.83
N ASP A 215 -16.28 7.92 5.88
CA ASP A 215 -16.68 7.31 7.12
C ASP A 215 -15.46 6.69 7.79
N LEU A 216 -15.34 6.85 9.09
CA LEU A 216 -14.21 6.34 9.84
C LEU A 216 -14.27 4.82 10.00
N ARG A 217 -15.49 4.29 10.07
CA ARG A 217 -15.70 2.87 10.30
C ARG A 217 -15.48 2.04 9.04
N LYS A 218 -15.40 2.69 7.90
CA LYS A 218 -15.27 2.00 6.62
C LYS A 218 -13.85 2.01 6.06
N GLN A 219 -12.90 2.52 6.83
CA GLN A 219 -11.51 2.61 6.37
C GLN A 219 -10.74 1.33 6.67
N GLN A 220 -9.92 0.89 5.71
CA GLN A 220 -9.09 -0.30 5.90
C GLN A 220 -7.97 0.11 6.87
N ARG A 221 -7.51 1.36 6.77
CA ARG A 221 -6.52 1.95 7.71
C ARG A 221 -6.90 3.37 8.08
N ARG A 222 -7.68 3.49 9.12
CA ARG A 222 -8.20 4.76 9.56
C ARG A 222 -7.20 5.89 9.59
N GLU A 223 -5.97 5.58 10.04
CA GLU A 223 -4.95 6.59 10.29
C GLU A 223 -4.73 7.46 9.07
N LEU A 224 -4.88 6.88 7.90
CA LEU A 224 -4.62 7.56 6.66
C LEU A 224 -5.46 8.82 6.45
N LEU A 225 -6.60 8.88 7.14
CA LEU A 225 -7.47 10.05 7.10
C LEU A 225 -6.77 11.32 7.54
N PHE A 226 -5.65 11.21 8.26
CA PHE A 226 -4.96 12.39 8.77
C PHE A 226 -4.23 13.15 7.67
N ASN A 227 -3.99 12.49 6.54
CA ASN A 227 -3.29 13.11 5.42
C ASN A 227 -4.22 14.04 4.63
N GLU A 228 -5.50 13.66 4.57
CA GLU A 228 -6.50 14.47 3.91
C GLU A 228 -6.43 15.88 4.49
N VAL A 229 -6.32 15.98 5.81
CA VAL A 229 -6.22 17.29 6.46
C VAL A 229 -4.84 17.96 6.41
N VAL A 230 -3.81 17.18 6.73
CA VAL A 230 -2.45 17.69 6.83
C VAL A 230 -1.90 18.09 5.46
N ILE A 231 -2.17 17.26 4.46
CA ILE A 231 -1.68 17.54 3.11
C ILE A 231 -2.18 18.87 2.55
N MET A 232 -3.49 19.02 2.43
CA MET A 232 -4.09 20.18 1.81
C MET A 232 -3.67 21.39 2.65
N ARG A 233 -3.81 21.26 3.96
CA ARG A 233 -3.44 22.33 4.88
C ARG A 233 -2.02 22.87 4.71
N ASP A 234 -1.03 21.98 4.60
CA ASP A 234 0.40 22.39 4.59
C ASP A 234 1.10 22.43 3.25
N TYR A 235 0.53 21.76 2.24
CA TYR A 235 1.19 21.60 0.94
C TYR A 235 0.31 22.25 -0.09
N GLN A 236 -0.03 23.50 0.17
CA GLN A 236 -0.81 24.29 -0.76
C GLN A 236 0.07 24.74 -1.92
N HIS A 237 -0.26 24.30 -3.12
CA HIS A 237 0.52 24.62 -4.30
C HIS A 237 -0.40 24.90 -5.47
N GLU A 238 0.13 25.60 -6.47
CA GLU A 238 -0.64 25.93 -7.67
C GLU A 238 -1.22 24.68 -8.30
N ASN A 239 -0.40 23.63 -8.38
CA ASN A 239 -0.86 22.32 -8.96
C ASN A 239 -1.39 21.32 -7.93
N VAL A 240 -1.89 21.78 -6.79
CA VAL A 240 -2.45 20.92 -5.77
C VAL A 240 -3.84 21.47 -5.48
N VAL A 241 -4.87 20.65 -5.66
CA VAL A 241 -6.23 21.09 -5.41
C VAL A 241 -6.40 21.73 -4.03
N GLU A 242 -6.93 22.95 -3.98
CA GLU A 242 -7.06 23.67 -2.72
C GLU A 242 -8.17 23.18 -1.76
N MET A 243 -7.77 22.64 -0.62
CA MET A 243 -8.65 22.38 0.48
C MET A 243 -8.85 23.71 1.17
N TYR A 244 -10.10 24.07 1.34
CA TYR A 244 -10.49 25.22 2.11
C TYR A 244 -10.61 24.84 3.57
N ASN A 245 -11.28 23.72 3.87
CA ASN A 245 -11.64 23.36 5.26
C ASN A 245 -12.01 21.90 5.44
N SER A 246 -11.94 21.45 6.70
CA SER A 246 -12.30 20.10 7.09
C SER A 246 -13.08 20.11 8.39
N TYR A 247 -13.86 19.06 8.60
CA TYR A 247 -14.83 19.04 9.66
C TYR A 247 -15.17 17.58 9.98
N LEU A 248 -15.66 17.38 11.20
CA LEU A 248 -16.20 16.10 11.62
C LEU A 248 -17.71 16.23 11.65
N VAL A 249 -18.40 15.31 10.98
CA VAL A 249 -19.84 15.27 10.99
C VAL A 249 -20.28 13.88 11.47
N GLY A 250 -20.45 13.71 12.78
CA GLY A 250 -20.81 12.43 13.31
C GLY A 250 -19.67 11.47 13.12
N ASP A 251 -19.84 10.46 12.27
CA ASP A 251 -18.79 9.46 12.03
C ASP A 251 -18.08 9.66 10.70
N GLU A 252 -18.21 10.84 10.11
CA GLU A 252 -17.67 11.08 8.80
C GLU A 252 -16.75 12.28 8.84
N LEU A 253 -15.67 12.17 8.10
CA LEU A 253 -14.78 13.28 7.93
C LEU A 253 -15.20 13.93 6.64
N TRP A 254 -15.31 15.25 6.68
CA TRP A 254 -15.79 15.99 5.56
C TRP A 254 -14.76 17.06 5.21
N VAL A 255 -14.25 17.00 4.00
CA VAL A 255 -13.29 17.93 3.58
C VAL A 255 -13.91 18.77 2.48
N VAL A 256 -13.85 20.09 2.65
CA VAL A 256 -14.39 21.02 1.68
C VAL A 256 -13.27 21.64 0.89
N MET A 257 -13.30 21.42 -0.42
CA MET A 257 -12.25 21.77 -1.34
C MET A 257 -12.81 22.39 -2.62
N GLU A 258 -11.93 22.79 -3.52
CA GLU A 258 -12.37 23.54 -4.67
C GLU A 258 -13.01 22.60 -5.65
N PHE A 259 -13.90 23.13 -6.48
CA PHE A 259 -14.60 22.25 -7.42
C PHE A 259 -13.92 22.29 -8.78
N LEU A 260 -13.44 21.13 -9.23
CA LEU A 260 -12.69 21.04 -10.49
C LEU A 260 -13.58 20.63 -11.65
N GLU A 261 -14.13 21.65 -12.29
CA GLU A 261 -15.16 21.43 -13.30
C GLU A 261 -14.68 20.65 -14.52
N GLY A 262 -13.40 20.73 -14.85
CA GLY A 262 -12.84 19.92 -15.92
C GLY A 262 -12.88 18.39 -15.76
N GLY A 263 -13.09 17.88 -14.55
CA GLY A 263 -13.12 16.43 -14.36
C GLY A 263 -11.74 15.82 -14.27
N ALA A 264 -11.64 14.51 -14.41
CA ALA A 264 -10.38 13.83 -14.24
C ALA A 264 -9.82 13.43 -15.57
N LEU A 265 -8.54 13.09 -15.51
CA LEU A 265 -7.77 12.78 -16.68
C LEU A 265 -8.16 11.42 -17.21
N THR A 266 -8.69 10.56 -16.35
CA THR A 266 -9.11 9.23 -16.74
C THR A 266 -10.11 9.28 -17.89
N ASP A 267 -11.07 10.20 -17.78
CA ASP A 267 -12.09 10.35 -18.80
C ASP A 267 -11.49 10.75 -20.14
N ILE A 268 -10.54 11.69 -20.09
CA ILE A 268 -9.90 12.17 -21.29
C ILE A 268 -9.07 11.06 -21.91
N VAL A 269 -8.34 10.27 -21.12
CA VAL A 269 -7.39 9.34 -21.74
C VAL A 269 -8.03 8.11 -22.32
N THR A 270 -9.21 7.73 -21.83
CA THR A 270 -9.92 6.54 -22.33
C THR A 270 -10.78 6.85 -23.54
N HIS A 271 -10.88 8.14 -23.87
CA HIS A 271 -11.70 8.58 -24.99
C HIS A 271 -10.88 9.28 -26.09
N THR A 272 -9.63 9.64 -25.80
CA THR A 272 -8.86 10.36 -26.81
C THR A 272 -7.34 10.28 -26.65
N ARG A 273 -6.65 10.19 -27.77
CA ARG A 273 -5.20 10.27 -27.81
C ARG A 273 -4.82 11.73 -27.72
N MET A 274 -3.90 12.05 -26.81
CA MET A 274 -3.58 13.45 -26.52
C MET A 274 -2.28 13.54 -27.29
N ASN A 275 -1.98 14.73 -27.76
CA ASN A 275 -0.70 14.93 -28.39
C ASN A 275 0.35 15.36 -27.36
N GLU A 276 1.61 15.30 -27.78
CA GLU A 276 2.74 15.40 -26.88
C GLU A 276 2.84 16.76 -26.17
N GLU A 277 2.40 17.80 -26.86
CA GLU A 277 2.23 19.11 -26.22
C GLU A 277 1.29 18.96 -24.99
N GLN A 278 0.14 18.33 -25.16
CA GLN A 278 -0.86 18.26 -24.10
C GLN A 278 -0.37 17.36 -23.00
N ILE A 279 0.27 16.26 -23.39
CA ILE A 279 0.87 15.34 -22.43
C ILE A 279 1.93 16.05 -21.60
N ALA A 280 2.86 16.69 -22.29
CA ALA A 280 3.96 17.36 -21.61
C ALA A 280 3.39 18.37 -20.62
N ALA A 281 2.36 19.09 -21.03
CA ALA A 281 1.66 19.99 -20.10
C ALA A 281 1.25 19.26 -18.86
N VAL A 282 0.63 18.11 -19.03
CA VAL A 282 0.22 17.38 -17.85
C VAL A 282 1.36 16.99 -16.94
N CYS A 283 2.35 16.30 -17.50
CA CYS A 283 3.44 15.85 -16.65
C CYS A 283 4.17 17.02 -16.01
N LEU A 284 4.19 18.17 -16.68
CA LEU A 284 4.83 19.31 -16.07
C LEU A 284 4.16 19.71 -14.77
N ALA A 285 2.85 19.85 -14.84
CA ALA A 285 2.02 20.23 -13.71
C ALA A 285 2.16 19.25 -12.54
N VAL A 286 2.13 17.97 -12.81
CA VAL A 286 2.28 16.97 -11.74
C VAL A 286 3.68 16.92 -11.12
N LEU A 287 4.71 17.06 -11.95
CA LEU A 287 6.06 17.03 -11.43
C LEU A 287 6.34 18.30 -10.64
N GLN A 288 5.80 19.45 -11.03
CA GLN A 288 5.94 20.61 -10.16
C GLN A 288 5.42 20.28 -8.75
N ALA A 289 4.29 19.58 -8.66
CA ALA A 289 3.76 19.14 -7.38
C ALA A 289 4.67 18.16 -6.69
N LEU A 290 5.01 17.07 -7.37
CA LEU A 290 5.80 16.03 -6.72
C LEU A 290 7.22 16.43 -6.30
N SER A 291 7.80 17.41 -6.97
CA SER A 291 9.09 17.92 -6.61
C SER A 291 8.93 18.47 -5.22
N VAL A 292 7.95 19.33 -5.07
CA VAL A 292 7.69 20.02 -3.83
C VAL A 292 7.29 19.06 -2.71
N LEU A 293 6.49 18.05 -3.00
CA LEU A 293 6.15 17.14 -1.93
C LEU A 293 7.38 16.36 -1.56
N HIS A 294 8.06 15.80 -2.54
CA HIS A 294 9.20 14.94 -2.24
C HIS A 294 10.30 15.74 -1.53
N ALA A 295 10.46 17.00 -1.91
CA ALA A 295 11.38 17.90 -1.22
C ALA A 295 11.22 17.85 0.30
N GLN A 296 10.03 17.47 0.77
CA GLN A 296 9.75 17.42 2.20
C GLN A 296 9.56 15.98 2.64
N GLY A 297 9.99 15.05 1.80
CA GLY A 297 9.86 13.64 2.10
C GLY A 297 8.45 13.10 2.14
N VAL A 298 7.59 13.65 1.29
CA VAL A 298 6.23 13.14 1.18
C VAL A 298 5.95 12.41 -0.12
N ILE A 299 5.68 11.10 -0.01
CA ILE A 299 5.34 10.24 -1.14
C ILE A 299 3.80 10.16 -1.29
N HIS A 300 3.30 10.38 -2.50
CA HIS A 300 1.86 10.42 -2.75
C HIS A 300 1.29 9.01 -2.70
N ARG A 301 1.87 8.11 -3.51
CA ARG A 301 1.58 6.67 -3.41
C ARG A 301 0.44 6.12 -4.29
N ASP A 302 -0.35 6.99 -4.89
CA ASP A 302 -1.51 6.59 -5.69
C ASP A 302 -1.64 7.42 -6.97
N ILE A 303 -0.51 7.75 -7.59
CA ILE A 303 -0.47 8.46 -8.85
C ILE A 303 -1.01 7.55 -9.96
N LYS A 304 -2.09 8.00 -10.58
CA LYS A 304 -2.68 7.43 -11.80
C LYS A 304 -3.56 8.55 -12.36
N SER A 305 -4.09 8.40 -13.57
CA SER A 305 -4.90 9.47 -14.19
C SER A 305 -6.11 9.88 -13.34
N ASP A 306 -6.68 8.91 -12.66
CA ASP A 306 -7.78 9.19 -11.78
C ASP A 306 -7.42 10.29 -10.78
N SER A 307 -6.18 10.31 -10.30
CA SER A 307 -5.76 11.29 -9.28
C SER A 307 -5.45 12.71 -9.77
N ILE A 308 -5.54 12.92 -11.09
CA ILE A 308 -5.28 14.21 -11.67
C ILE A 308 -6.59 14.83 -12.09
N LEU A 309 -6.78 16.10 -11.78
CA LEU A 309 -8.01 16.77 -12.07
C LEU A 309 -7.79 18.06 -12.78
N LEU A 310 -8.79 18.49 -13.57
CA LEU A 310 -8.71 19.71 -14.35
C LEU A 310 -9.68 20.81 -13.97
N THR A 311 -9.31 22.04 -14.26
CA THR A 311 -10.20 23.19 -14.19
C THR A 311 -10.83 23.37 -15.55
N HIS A 312 -11.87 24.20 -15.64
CA HIS A 312 -12.47 24.62 -16.93
C HIS A 312 -11.39 25.18 -17.85
N ASP A 313 -10.49 26.01 -17.32
CA ASP A 313 -9.54 26.75 -18.13
C ASP A 313 -8.30 25.94 -18.55
N GLY A 314 -8.34 24.63 -18.30
CA GLY A 314 -7.28 23.72 -18.71
C GLY A 314 -6.17 23.48 -17.69
N ARG A 315 -6.23 24.17 -16.55
CA ARG A 315 -5.20 24.00 -15.55
C ARG A 315 -5.34 22.63 -14.91
N VAL A 316 -4.27 22.14 -14.27
CA VAL A 316 -4.11 20.76 -13.83
C VAL A 316 -3.68 20.64 -12.38
N LYS A 317 -4.40 19.86 -11.59
CA LYS A 317 -4.12 19.77 -10.18
C LYS A 317 -4.06 18.34 -9.78
N LEU A 318 -3.18 18.04 -8.84
CA LEU A 318 -3.03 16.72 -8.31
C LEU A 318 -3.95 16.65 -7.07
N SER A 319 -4.44 15.46 -6.77
CA SER A 319 -5.32 15.29 -5.66
C SER A 319 -5.40 13.81 -5.29
N ASP A 320 -6.38 13.44 -4.47
CA ASP A 320 -6.46 12.11 -3.89
C ASP A 320 -5.18 11.91 -3.07
N PHE A 321 -5.08 12.70 -2.03
CA PHE A 321 -3.96 12.59 -1.11
C PHE A 321 -4.07 11.57 0.02
N GLY A 322 -5.09 10.73 -0.01
CA GLY A 322 -5.36 9.84 1.12
C GLY A 322 -4.33 8.77 1.43
N PHE A 323 -3.56 8.39 0.41
CA PHE A 323 -2.59 7.31 0.59
C PHE A 323 -1.17 7.78 0.91
N CYS A 324 -0.95 9.09 1.04
CA CYS A 324 0.40 9.63 1.25
C CYS A 324 1.12 9.23 2.56
N ALA A 325 2.44 9.09 2.45
CA ALA A 325 3.30 8.84 3.60
C ALA A 325 4.45 9.84 3.64
N GLN A 326 5.16 9.89 4.77
CA GLN A 326 6.29 10.79 4.98
C GLN A 326 7.57 10.01 5.30
N VAL A 327 8.68 10.45 4.71
CA VAL A 327 10.00 9.94 5.05
C VAL A 327 10.89 11.12 5.44
N SER A 328 12.08 10.80 5.95
CA SER A 328 12.92 11.79 6.61
C SER A 328 14.28 11.19 6.93
N LYS A 329 15.18 12.00 7.46
CA LYS A 329 16.48 11.49 7.87
C LYS A 329 16.29 10.28 8.77
N GLU A 330 15.25 10.32 9.59
CA GLU A 330 15.11 9.33 10.65
C GLU A 330 14.42 8.08 10.09
N VAL A 331 13.29 8.24 9.41
CA VAL A 331 12.65 7.10 8.73
C VAL A 331 12.68 7.39 7.22
N PRO A 332 13.69 6.85 6.52
CA PRO A 332 14.01 7.20 5.13
C PRO A 332 13.27 6.43 4.02
N ARG A 333 12.80 5.21 4.30
CA ARG A 333 11.95 4.45 3.37
C ARG A 333 10.63 4.12 4.07
N ARG A 334 9.68 3.55 3.32
CA ARG A 334 8.42 3.00 3.81
C ARG A 334 8.27 1.56 3.37
N LYS A 335 7.24 0.88 3.88
CA LYS A 335 7.03 -0.57 3.62
C LYS A 335 5.61 -1.02 3.35
N SEP A 336 4.62 -0.20 3.69
CA SEP A 336 3.22 -0.59 3.52
CB SEP A 336 2.29 0.49 4.08
OG SEP A 336 2.86 0.95 5.29
C SEP A 336 2.91 -0.85 2.07
O SEP A 336 3.37 -0.11 1.17
P SEP A 336 3.21 2.50 5.54
O1P SEP A 336 1.89 3.21 5.65
O2P SEP A 336 4.07 2.49 6.78
O3P SEP A 336 4.05 2.90 4.34
N LEU A 337 2.14 -1.90 1.81
CA LEU A 337 1.65 -2.21 0.46
C LEU A 337 0.49 -1.31 0.17
N VAL A 338 0.75 -0.21 -0.51
CA VAL A 338 -0.26 0.79 -0.73
C VAL A 338 -0.27 1.26 -2.18
N GLY A 339 -1.46 1.52 -2.72
CA GLY A 339 -1.65 2.04 -4.09
C GLY A 339 -2.62 1.20 -4.93
N THR A 340 -2.80 1.57 -6.18
CA THR A 340 -3.58 0.77 -7.13
C THR A 340 -2.63 -0.14 -7.92
N PRO A 341 -2.95 -1.44 -7.98
CA PRO A 341 -2.15 -2.52 -8.56
C PRO A 341 -1.33 -2.22 -9.83
N TYR A 342 -1.96 -1.63 -10.83
CA TYR A 342 -1.35 -1.43 -12.17
C TYR A 342 -0.31 -0.31 -12.20
N TRP A 343 -0.44 0.64 -11.29
CA TRP A 343 0.44 1.77 -11.22
C TRP A 343 1.57 1.57 -10.21
N MET A 344 1.63 0.39 -9.59
CA MET A 344 2.57 0.16 -8.49
C MET A 344 3.97 -0.13 -9.00
N ALA A 345 4.94 0.50 -8.36
CA ALA A 345 6.34 0.30 -8.71
C ALA A 345 6.74 -1.13 -8.40
N PRO A 346 7.80 -1.62 -9.05
CA PRO A 346 8.18 -3.03 -8.87
C PRO A 346 8.75 -3.38 -7.50
N GLU A 347 9.43 -2.43 -6.87
CA GLU A 347 10.01 -2.64 -5.55
C GLU A 347 8.97 -2.69 -4.40
N LEU A 348 7.83 -2.06 -4.65
CA LEU A 348 6.81 -1.93 -3.65
C LEU A 348 5.99 -3.22 -3.63
N ILE A 349 5.68 -3.71 -4.82
CA ILE A 349 5.08 -5.02 -5.00
C ILE A 349 6.05 -6.06 -4.46
N SER A 350 7.34 -5.89 -4.71
CA SER A 350 8.31 -6.90 -4.25
C SER A 350 8.50 -6.87 -2.75
N ARG A 351 7.91 -5.88 -2.08
CA ARG A 351 7.86 -5.81 -0.61
C ARG A 351 9.15 -5.30 0.03
N LEU A 352 9.94 -4.55 -0.74
CA LEU A 352 11.19 -3.98 -0.24
C LEU A 352 10.88 -2.60 0.26
N PRO A 353 11.82 -2.01 0.99
CA PRO A 353 11.54 -0.66 1.50
C PRO A 353 11.74 0.34 0.38
N TYR A 354 11.01 1.44 0.41
CA TYR A 354 10.98 2.34 -0.73
C TYR A 354 10.73 3.77 -0.35
N GLY A 355 11.08 4.65 -1.27
CA GLY A 355 10.93 6.09 -1.08
C GLY A 355 10.10 6.68 -2.19
N PRO A 356 10.27 7.98 -2.45
CA PRO A 356 9.46 8.74 -3.42
C PRO A 356 9.49 8.25 -4.83
N GLU A 357 10.61 7.65 -5.20
CA GLU A 357 10.76 7.06 -6.51
C GLU A 357 9.51 6.29 -6.95
N VAL A 358 8.84 5.61 -6.03
CA VAL A 358 7.59 4.90 -6.39
C VAL A 358 6.61 5.78 -7.16
N ASP A 359 6.49 7.04 -6.77
CA ASP A 359 5.67 7.97 -7.51
C ASP A 359 6.06 8.18 -8.95
N ILE A 360 7.35 8.21 -9.22
CA ILE A 360 7.87 8.48 -10.57
C ILE A 360 7.62 7.31 -11.51
N TRP A 361 7.87 6.10 -11.03
CA TRP A 361 7.39 4.91 -11.71
C TRP A 361 5.94 5.03 -12.11
N SER A 362 5.07 5.35 -11.16
CA SER A 362 3.62 5.46 -11.42
C SER A 362 3.28 6.56 -12.41
N LEU A 363 3.99 7.67 -12.35
CA LEU A 363 3.87 8.65 -13.38
C LEU A 363 4.22 8.08 -14.75
N GLY A 364 5.20 7.20 -14.79
CA GLY A 364 5.60 6.57 -16.04
C GLY A 364 4.48 5.70 -16.57
N ILE A 365 3.74 5.11 -15.66
CA ILE A 365 2.57 4.37 -16.06
C ILE A 365 1.51 5.30 -16.59
N MET A 366 1.29 6.39 -15.91
CA MET A 366 0.31 7.35 -16.37
C MET A 366 0.64 7.97 -17.73
N VAL A 367 1.90 8.03 -18.08
CA VAL A 367 2.29 8.45 -19.44
C VAL A 367 1.86 7.40 -20.47
N ILE A 368 1.96 6.15 -20.06
CA ILE A 368 1.51 5.08 -20.88
C ILE A 368 0.00 5.19 -21.06
N GLU A 369 -0.73 5.54 -20.01
CA GLU A 369 -2.18 5.74 -20.13
C GLU A 369 -2.41 6.83 -21.14
N MET A 370 -1.70 7.94 -20.96
CA MET A 370 -1.95 9.08 -21.81
C MET A 370 -1.67 8.75 -23.28
N VAL A 371 -0.70 7.89 -23.52
CA VAL A 371 -0.30 7.60 -24.86
C VAL A 371 -1.15 6.49 -25.43
N ASP A 372 -1.18 5.35 -24.76
CA ASP A 372 -1.83 4.15 -25.25
C ASP A 372 -3.21 3.89 -24.66
N GLY A 373 -3.76 4.78 -23.84
CA GLY A 373 -5.16 4.64 -23.41
C GLY A 373 -5.49 3.85 -22.16
N GLU A 374 -4.58 2.97 -21.76
CA GLU A 374 -4.70 2.29 -20.46
C GLU A 374 -3.31 1.89 -19.94
N PRO A 375 -3.24 1.39 -18.70
CA PRO A 375 -1.93 0.98 -18.23
C PRO A 375 -1.54 -0.34 -18.82
N PRO A 376 -0.26 -0.71 -18.70
CA PRO A 376 0.15 -2.04 -19.07
C PRO A 376 -0.63 -3.10 -18.31
N TYR A 377 -0.85 -4.23 -18.98
CA TYR A 377 -1.49 -5.40 -18.38
C TYR A 377 -2.88 -5.09 -17.80
N PHE A 378 -3.60 -4.16 -18.42
CA PHE A 378 -4.91 -3.76 -17.92
C PHE A 378 -5.90 -4.92 -17.98
N ASN A 379 -5.87 -5.66 -19.08
CA ASN A 379 -6.79 -6.78 -19.28
C ASN A 379 -6.67 -7.86 -18.20
N GLU A 380 -5.47 -8.05 -17.67
CA GLU A 380 -5.24 -9.10 -16.65
C GLU A 380 -6.02 -8.70 -15.42
N PRO A 381 -6.31 -9.68 -14.55
CA PRO A 381 -6.76 -9.33 -13.20
C PRO A 381 -5.58 -8.79 -12.38
N PRO A 382 -5.82 -7.81 -11.53
CA PRO A 382 -4.76 -7.10 -10.81
C PRO A 382 -3.56 -7.93 -10.30
N LEU A 383 -3.84 -9.06 -9.66
CA LEU A 383 -2.83 -9.78 -8.89
C LEU A 383 -1.94 -10.49 -9.91
N LYS A 384 -2.45 -10.79 -11.11
CA LYS A 384 -1.59 -11.35 -12.17
C LYS A 384 -0.68 -10.24 -12.68
N ALA A 385 -1.26 -9.06 -12.84
CA ALA A 385 -0.51 -7.91 -13.33
C ALA A 385 0.61 -7.53 -12.37
N MET A 386 0.31 -7.60 -11.07
CA MET A 386 1.29 -7.22 -10.06
C MET A 386 2.53 -8.07 -10.19
N LYS A 387 2.30 -9.35 -10.46
CA LYS A 387 3.35 -10.34 -10.59
C LYS A 387 4.20 -10.01 -11.81
N MET A 388 3.53 -9.72 -12.92
CA MET A 388 4.24 -9.47 -14.18
C MET A 388 5.10 -8.21 -14.04
N ILE A 389 4.54 -7.17 -13.43
CA ILE A 389 5.29 -5.96 -13.18
C ILE A 389 6.56 -6.26 -12.40
N ARG A 390 6.38 -7.02 -11.31
CA ARG A 390 7.47 -7.40 -10.43
C ARG A 390 8.50 -8.28 -11.13
N ASP A 391 8.01 -9.31 -11.81
CA ASP A 391 8.89 -10.28 -12.43
C ASP A 391 9.51 -9.76 -13.73
N ASN A 392 8.80 -8.90 -14.47
CA ASN A 392 9.23 -8.49 -15.82
C ASN A 392 10.07 -7.22 -15.95
N LEU A 393 10.59 -7.05 -17.17
CA LEU A 393 11.24 -5.83 -17.62
C LEU A 393 10.27 -4.65 -17.71
N PRO A 394 10.80 -3.41 -17.60
CA PRO A 394 9.92 -2.25 -17.73
C PRO A 394 9.10 -2.31 -19.00
N PRO A 395 7.78 -2.09 -18.90
CA PRO A 395 6.94 -2.06 -20.09
C PRO A 395 7.35 -0.94 -21.02
N ARG A 396 7.25 -1.20 -22.31
CA ARG A 396 7.59 -0.21 -23.30
C ARG A 396 6.28 0.19 -23.95
N LEU A 397 6.28 1.37 -24.54
CA LEU A 397 5.16 1.78 -25.37
C LEU A 397 4.94 0.79 -26.52
N LYS A 398 3.76 0.82 -27.13
CA LYS A 398 3.43 -0.09 -28.24
C LYS A 398 3.75 0.38 -29.69
N ASN A 399 3.98 1.67 -29.91
CA ASN A 399 4.16 2.20 -31.26
C ASN A 399 5.13 3.33 -31.04
N LEU A 400 6.41 3.04 -31.29
CA LEU A 400 7.48 4.02 -31.11
C LEU A 400 7.76 4.86 -32.34
N HIS A 401 7.30 4.41 -33.49
CA HIS A 401 7.54 5.14 -34.72
C HIS A 401 6.86 6.53 -34.66
N LYS A 402 5.79 6.62 -33.88
CA LYS A 402 4.97 7.84 -33.76
C LYS A 402 5.46 8.79 -32.65
N VAL A 403 6.19 8.26 -31.69
CA VAL A 403 6.66 8.98 -30.51
C VAL A 403 8.04 9.60 -30.73
N SER A 404 8.20 10.85 -30.34
CA SER A 404 9.46 11.54 -30.51
C SER A 404 10.52 11.03 -29.53
N PRO A 405 11.80 11.13 -29.89
CA PRO A 405 12.89 10.73 -28.98
C PRO A 405 12.84 11.47 -27.67
N SER A 406 12.39 12.71 -27.74
CA SER A 406 12.26 13.50 -26.55
C SER A 406 11.38 12.79 -25.52
N LEU A 407 10.24 12.25 -25.97
CA LEU A 407 9.31 11.68 -25.03
C LEU A 407 9.73 10.26 -24.70
N LYS A 408 10.10 9.48 -25.70
CA LYS A 408 10.56 8.15 -25.41
C LYS A 408 11.68 8.21 -24.39
N GLY A 409 12.60 9.16 -24.56
CA GLY A 409 13.80 9.27 -23.73
C GLY A 409 13.44 9.71 -22.34
N PHE A 410 12.50 10.63 -22.27
CA PHE A 410 11.85 11.05 -21.02
C PHE A 410 11.31 9.87 -20.22
N LEU A 411 10.57 9.00 -20.90
CA LEU A 411 9.86 7.92 -20.25
C LEU A 411 10.80 6.83 -19.78
N ASP A 412 11.77 6.48 -20.61
CA ASP A 412 12.91 5.63 -20.19
C ASP A 412 13.59 6.06 -18.86
N ARG A 413 13.33 7.28 -18.40
CA ARG A 413 13.82 7.77 -17.11
C ARG A 413 12.85 7.51 -15.95
N LEU A 414 11.55 7.48 -16.25
CA LEU A 414 10.55 7.08 -15.25
C LEU A 414 10.56 5.57 -15.02
N LEU A 415 10.49 4.80 -16.10
CA LEU A 415 10.31 3.35 -15.96
C LEU A 415 11.62 2.58 -15.90
N VAL A 416 12.28 2.66 -14.75
CA VAL A 416 13.59 2.07 -14.49
C VAL A 416 13.33 1.18 -13.27
N ARG A 417 13.72 -0.08 -13.33
CA ARG A 417 13.36 -1.00 -12.21
C ARG A 417 14.12 -0.63 -10.95
N ASP A 418 15.44 -0.55 -11.07
CA ASP A 418 16.25 -0.05 -9.98
C ASP A 418 15.82 1.40 -9.69
N PRO A 419 15.38 1.66 -8.45
CA PRO A 419 14.99 3.00 -8.02
C PRO A 419 16.12 4.03 -7.98
N ALA A 420 17.35 3.55 -7.71
CA ALA A 420 18.50 4.43 -7.54
C ALA A 420 18.87 5.10 -8.85
N GLN A 421 18.56 4.46 -9.98
CA GLN A 421 18.88 4.98 -11.31
C GLN A 421 17.69 5.69 -11.92
N ARG A 422 16.53 5.48 -11.32
CA ARG A 422 15.32 6.12 -11.77
C ARG A 422 15.40 7.63 -11.43
N ALA A 423 14.90 8.50 -12.31
CA ALA A 423 15.03 9.95 -12.14
C ALA A 423 14.18 10.55 -11.04
N THR A 424 14.74 11.52 -10.35
CA THR A 424 13.97 12.29 -9.39
C THR A 424 13.10 13.35 -10.06
N ALA A 425 12.07 13.78 -9.33
CA ALA A 425 11.21 14.89 -9.77
C ALA A 425 11.98 16.13 -10.27
N ALA A 426 12.94 16.63 -9.47
CA ALA A 426 13.76 17.79 -9.84
C ALA A 426 14.62 17.54 -11.06
N GLU A 427 15.19 16.35 -11.17
CA GLU A 427 15.88 15.97 -12.39
C GLU A 427 14.86 16.10 -13.53
N LEU A 428 13.67 15.52 -13.41
CA LEU A 428 12.76 15.51 -14.57
C LEU A 428 12.29 16.90 -14.99
N LEU A 429 12.26 17.81 -14.03
CA LEU A 429 11.81 19.17 -14.30
C LEU A 429 12.66 19.83 -15.34
N LYS A 430 13.92 19.43 -15.36
CA LYS A 430 14.88 19.96 -16.31
C LYS A 430 14.96 19.10 -17.55
N HIS A 431 13.86 18.58 -18.04
CA HIS A 431 13.99 17.60 -19.11
C HIS A 431 13.40 18.15 -20.36
N PRO A 432 14.17 18.14 -21.44
CA PRO A 432 13.76 18.75 -22.71
C PRO A 432 12.29 18.55 -23.07
N PHE A 433 11.75 17.36 -22.81
CA PHE A 433 10.38 17.01 -23.16
C PHE A 433 9.37 17.98 -22.60
N LEU A 434 9.55 18.31 -21.32
CA LEU A 434 8.58 19.15 -20.61
C LEU A 434 8.54 20.55 -21.16
N ALA A 435 9.45 20.85 -22.09
CA ALA A 435 9.51 22.18 -22.71
C ALA A 435 8.62 22.29 -23.94
N LYS A 436 8.07 21.16 -24.36
CA LYS A 436 6.94 21.12 -25.30
C LYS A 436 5.56 21.47 -24.66
N ALA A 437 5.51 21.65 -23.35
CA ALA A 437 4.24 21.72 -22.66
C ALA A 437 3.42 22.87 -23.15
N GLY A 438 2.23 22.60 -23.65
CA GLY A 438 1.34 23.66 -24.12
C GLY A 438 0.70 24.44 -22.97
N PRO A 439 0.07 25.58 -23.30
CA PRO A 439 -0.62 26.37 -22.33
C PRO A 439 -1.82 25.59 -21.84
N PRO A 440 -2.46 26.05 -20.75
CA PRO A 440 -3.68 25.41 -20.27
C PRO A 440 -4.76 25.29 -21.36
N ALA A 441 -4.93 26.33 -22.17
CA ALA A 441 -5.89 26.28 -23.26
C ALA A 441 -5.74 25.09 -24.20
N SER A 442 -4.52 24.58 -24.38
CA SER A 442 -4.30 23.52 -25.37
C SER A 442 -4.96 22.21 -24.94
N ILE A 443 -5.42 22.19 -23.70
CA ILE A 443 -6.02 21.01 -23.06
C ILE A 443 -7.53 21.00 -23.18
N VAL A 444 -8.10 22.20 -23.13
CA VAL A 444 -9.53 22.40 -23.06
C VAL A 444 -10.35 21.70 -24.15
N PRO A 445 -9.80 21.61 -25.37
CA PRO A 445 -10.41 20.73 -26.38
C PRO A 445 -10.58 19.29 -25.93
N LEU A 446 -9.70 18.78 -25.08
CA LEU A 446 -9.82 17.40 -24.64
C LEU A 446 -11.00 17.15 -23.71
N MET A 447 -11.49 18.19 -23.05
CA MET A 447 -12.58 18.00 -22.09
C MET A 447 -13.89 17.61 -22.77
N ARG A 448 -14.71 16.82 -22.08
CA ARG A 448 -15.91 16.24 -22.66
C ARG A 448 -16.87 17.29 -23.20
N GLN A 449 -17.14 18.33 -22.43
CA GLN A 449 -18.09 19.37 -22.83
C GLN A 449 -17.73 20.00 -24.18
N ASN A 450 -16.49 19.78 -24.58
CA ASN A 450 -15.97 20.35 -25.83
C ASN A 450 -15.91 19.36 -27.00
N ARG A 451 -15.44 18.14 -26.75
CA ARG A 451 -15.26 17.18 -27.86
C ARG A 451 -16.07 17.15 -29.17
N GLN B 2 -12.26 -18.49 -3.87
CA GLN B 2 -11.22 -19.55 -3.82
C GLN B 2 -10.73 -19.70 -2.39
N THR B 3 -10.07 -20.83 -2.13
CA THR B 3 -9.45 -21.09 -0.85
C THR B 3 -7.97 -20.78 -0.87
N ILE B 4 -7.48 -20.32 0.29
CA ILE B 4 -6.05 -20.23 0.57
C ILE B 4 -5.73 -21.24 1.68
N LYS B 5 -4.70 -22.04 1.43
CA LYS B 5 -4.26 -23.10 2.36
C LYS B 5 -2.94 -22.71 3.00
N CYS B 6 -3.01 -22.26 4.25
CA CYS B 6 -1.80 -21.93 4.99
C CYS B 6 -1.36 -23.12 5.83
N VAL B 7 -0.04 -23.28 5.99
CA VAL B 7 0.51 -24.27 6.91
C VAL B 7 1.63 -23.68 7.79
N VAL B 8 1.40 -23.80 9.10
CA VAL B 8 2.20 -23.15 10.14
C VAL B 8 3.14 -24.17 10.80
N VAL B 9 4.44 -23.87 10.77
CA VAL B 9 5.44 -24.77 11.32
C VAL B 9 6.50 -24.04 12.15
N GLY B 10 7.12 -24.79 13.06
CA GLY B 10 8.11 -24.26 14.01
C GLY B 10 8.15 -25.16 15.22
N ASP B 11 9.12 -24.94 16.09
CA ASP B 11 9.29 -25.82 17.26
C ASP B 11 8.09 -25.74 18.21
N GLY B 12 7.96 -26.75 19.05
CA GLY B 12 6.92 -26.72 20.08
C GLY B 12 7.12 -25.52 20.96
N ALA B 13 6.11 -25.22 21.76
CA ALA B 13 6.14 -24.08 22.70
C ALA B 13 6.13 -22.74 21.97
N VAL B 14 6.82 -22.70 20.82
CA VAL B 14 6.94 -21.48 20.02
C VAL B 14 5.60 -20.76 20.07
N GLY B 15 4.54 -21.51 20.41
CA GLY B 15 3.24 -20.94 20.68
C GLY B 15 2.59 -20.70 19.34
N LYS B 16 2.60 -21.76 18.53
CA LYS B 16 2.09 -21.71 17.17
C LYS B 16 0.58 -21.70 17.21
N THR B 17 0.05 -22.55 18.08
CA THR B 17 -1.38 -22.60 18.43
C THR B 17 -1.91 -21.22 18.87
N CYS B 18 -1.14 -20.60 19.76
CA CYS B 18 -1.47 -19.33 20.39
C CYS B 18 -1.55 -18.17 19.38
N LEU B 19 -0.51 -18.05 18.54
CA LEU B 19 -0.50 -17.14 17.39
C LEU B 19 -1.84 -17.19 16.62
N LEU B 20 -2.17 -18.38 16.09
CA LEU B 20 -3.40 -18.57 15.30
C LEU B 20 -4.67 -18.07 16.00
N ILE B 21 -4.86 -18.53 17.24
CA ILE B 21 -6.07 -18.25 18.03
C ILE B 21 -6.17 -16.76 18.35
N SER B 22 -5.01 -16.17 18.66
CA SER B 22 -4.92 -14.73 18.95
C SER B 22 -5.57 -13.92 17.83
N TYR B 23 -5.11 -14.20 16.61
CA TYR B 23 -5.63 -13.57 15.38
C TYR B 23 -7.12 -13.93 15.12
N THR B 24 -7.36 -15.22 14.88
CA THR B 24 -8.69 -15.70 14.46
C THR B 24 -9.84 -15.32 15.38
N THR B 25 -9.63 -15.56 16.68
CA THR B 25 -10.68 -15.35 17.70
C THR B 25 -10.46 -14.13 18.61
N ASN B 26 -9.31 -13.43 18.47
CA ASN B 26 -8.88 -12.33 19.37
C ASN B 26 -8.99 -12.76 20.81
N LYS B 27 -8.51 -13.95 21.08
CA LYS B 27 -8.46 -14.48 22.43
C LYS B 27 -7.13 -15.20 22.52
N PHE B 28 -6.54 -15.18 23.72
CA PHE B 28 -5.32 -15.94 24.00
C PHE B 28 -5.69 -17.21 24.80
N PRO B 29 -5.13 -18.40 24.43
CA PRO B 29 -5.34 -19.60 25.25
C PRO B 29 -4.67 -19.55 26.63
N SER B 30 -5.47 -19.63 27.70
CA SER B 30 -4.95 -19.53 29.07
C SER B 30 -4.07 -20.71 29.43
N GLU B 31 -4.34 -21.87 28.82
CA GLU B 31 -3.60 -23.13 29.07
C GLU B 31 -2.68 -23.46 27.89
N TYR B 32 -1.42 -23.79 28.17
CA TYR B 32 -0.55 -24.38 27.14
C TYR B 32 -0.94 -25.83 26.87
N VAL B 33 -1.16 -26.14 25.59
CA VAL B 33 -1.44 -27.51 25.13
C VAL B 33 -0.62 -27.71 23.86
N PRO B 34 0.13 -28.82 23.75
CA PRO B 34 0.80 -29.09 22.47
C PRO B 34 -0.17 -29.54 21.37
N THR B 35 0.08 -29.08 20.15
CA THR B 35 -0.78 -29.41 19.01
C THR B 35 -0.33 -30.74 18.43
N VAL B 36 -1.31 -31.59 18.15
CA VAL B 36 -1.13 -32.74 17.26
C VAL B 36 -1.44 -32.21 15.84
N PHE B 37 -2.74 -31.98 15.60
CA PHE B 37 -3.23 -31.38 14.37
C PHE B 37 -4.63 -30.79 14.53
N ASP B 38 -4.71 -29.49 14.31
CA ASP B 38 -5.98 -28.73 14.33
C ASP B 38 -6.11 -27.90 13.02
N ASN B 39 -7.35 -27.79 12.54
CA ASN B 39 -7.70 -27.11 11.27
C ASN B 39 -8.76 -26.05 11.57
N TYR B 40 -8.35 -24.78 11.52
CA TYR B 40 -9.29 -23.62 11.64
C TYR B 40 -9.48 -22.88 10.30
N ALA B 41 -10.73 -22.58 9.94
CA ALA B 41 -11.06 -21.92 8.64
C ALA B 41 -11.83 -20.59 8.86
N VAL B 42 -11.14 -19.47 8.61
CA VAL B 42 -11.80 -18.17 8.72
C VAL B 42 -12.06 -17.72 7.31
N THR B 43 -12.69 -16.55 7.22
CA THR B 43 -12.96 -15.98 5.92
C THR B 43 -12.36 -14.58 5.91
N VAL B 44 -11.59 -14.29 4.84
CA VAL B 44 -10.98 -12.99 4.63
C VAL B 44 -11.49 -12.35 3.32
N MET B 45 -11.75 -11.04 3.37
CA MET B 45 -12.19 -10.31 2.21
C MET B 45 -11.08 -9.37 1.78
N ILE B 46 -10.62 -9.54 0.54
CA ILE B 46 -9.59 -8.68 -0.03
C ILE B 46 -10.16 -7.99 -1.27
N GLY B 47 -10.12 -6.66 -1.25
CA GLY B 47 -10.68 -5.83 -2.33
C GLY B 47 -12.11 -6.18 -2.65
N GLY B 48 -12.88 -6.52 -1.60
CA GLY B 48 -14.27 -6.96 -1.76
C GLY B 48 -14.45 -8.41 -2.19
N GLU B 49 -13.35 -9.10 -2.46
CA GLU B 49 -13.41 -10.53 -2.78
C GLU B 49 -13.09 -11.40 -1.54
N PRO B 50 -14.10 -12.17 -1.02
CA PRO B 50 -14.01 -13.03 0.19
C PRO B 50 -13.38 -14.41 -0.12
N TYR B 51 -12.40 -14.76 0.71
CA TYR B 51 -11.55 -15.94 0.51
C TYR B 51 -11.53 -16.74 1.79
N THR B 52 -11.86 -18.02 1.69
CA THR B 52 -11.75 -18.90 2.84
C THR B 52 -10.27 -19.21 3.12
N LEU B 53 -9.81 -18.75 4.29
CA LEU B 53 -8.44 -18.98 4.73
C LEU B 53 -8.42 -20.21 5.61
N GLY B 54 -7.95 -21.31 5.02
CA GLY B 54 -7.76 -22.58 5.74
C GLY B 54 -6.39 -22.65 6.41
N LEU B 55 -6.40 -22.50 7.73
CA LEU B 55 -5.19 -22.50 8.54
C LEU B 55 -4.89 -23.90 9.09
N PHE B 56 -3.64 -24.32 8.99
CA PHE B 56 -3.24 -25.66 9.42
C PHE B 56 -2.29 -25.52 10.62
N ASP B 57 -2.79 -25.83 11.82
CA ASP B 57 -1.91 -25.93 13.03
C ASP B 57 -1.37 -27.36 13.16
N THR B 58 -0.05 -27.44 13.24
CA THR B 58 0.66 -28.70 13.20
C THR B 58 1.36 -28.89 14.53
N ALA B 59 2.06 -30.03 14.64
CA ALA B 59 2.90 -30.32 15.80
C ALA B 59 4.34 -29.81 15.61
N GLY B 60 4.81 -29.00 16.55
CA GLY B 60 6.21 -28.56 16.59
C GLY B 60 7.13 -29.59 17.19
N GLN B 61 6.53 -30.65 17.75
CA GLN B 61 7.25 -31.79 18.32
C GLN B 61 7.99 -32.66 17.30
N GLU B 62 8.89 -33.49 17.83
CA GLU B 62 9.72 -34.40 17.04
C GLU B 62 8.97 -35.69 16.63
N ASP B 63 7.96 -36.07 17.43
CA ASP B 63 7.26 -37.37 17.30
C ASP B 63 6.48 -37.51 15.97
N TYR B 64 6.06 -36.37 15.42
CA TYR B 64 5.09 -36.33 14.33
C TYR B 64 5.74 -35.92 13.01
N ASP B 65 7.04 -36.22 12.88
CA ASP B 65 7.80 -35.88 11.67
C ASP B 65 7.18 -36.47 10.38
N ARG B 66 6.62 -37.69 10.47
CA ARG B 66 5.99 -38.36 9.31
C ARG B 66 4.46 -38.17 9.26
N LEU B 67 3.85 -37.74 10.37
CA LEU B 67 2.38 -37.48 10.47
C LEU B 67 1.99 -36.02 10.09
N ARG B 68 2.91 -35.10 10.35
CA ARG B 68 2.71 -33.67 10.07
C ARG B 68 2.66 -33.36 8.55
N PRO B 69 3.71 -33.73 7.78
CA PRO B 69 3.76 -33.42 6.33
C PRO B 69 2.66 -34.01 5.43
N LEU B 70 1.82 -34.89 5.99
CA LEU B 70 0.59 -35.31 5.30
C LEU B 70 -0.44 -34.17 5.20
N SER B 71 -0.18 -33.07 5.92
CA SER B 71 -0.99 -31.84 5.86
C SER B 71 -0.59 -30.87 4.74
N TYR B 72 0.48 -31.21 4.01
CA TYR B 72 1.13 -30.28 3.05
C TYR B 72 0.67 -30.24 1.56
N PRO B 73 -0.06 -31.28 1.07
CA PRO B 73 -0.46 -31.24 -0.36
C PRO B 73 -1.23 -29.97 -0.77
N GLN B 74 -0.66 -29.23 -1.74
CA GLN B 74 -1.27 -28.03 -2.34
C GLN B 74 -1.23 -26.78 -1.44
N THR B 75 -0.25 -26.74 -0.53
CA THR B 75 -0.08 -25.56 0.33
C THR B 75 0.32 -24.35 -0.50
N ASP B 76 -0.52 -23.33 -0.44
CA ASP B 76 -0.26 -22.08 -1.15
C ASP B 76 0.84 -21.24 -0.45
N VAL B 77 1.03 -21.40 0.87
CA VAL B 77 2.08 -20.68 1.57
C VAL B 77 2.39 -21.32 2.93
N PHE B 78 3.60 -21.06 3.43
CA PHE B 78 3.99 -21.53 4.75
C PHE B 78 4.44 -20.40 5.64
N LEU B 79 4.08 -20.50 6.91
CA LEU B 79 4.70 -19.66 7.92
C LEU B 79 5.76 -20.53 8.56
N VAL B 80 6.98 -20.00 8.57
CA VAL B 80 8.08 -20.64 9.28
C VAL B 80 8.40 -19.80 10.51
N CYS B 81 8.20 -20.40 11.67
CA CYS B 81 8.13 -19.64 12.90
C CYS B 81 9.20 -20.04 13.90
N PHE B 82 9.59 -19.06 14.72
CA PHE B 82 10.49 -19.27 15.85
C PHE B 82 10.16 -18.23 16.93
N SER B 83 10.46 -18.57 18.19
CA SER B 83 10.41 -17.59 19.26
C SER B 83 11.70 -16.76 19.16
N VAL B 84 11.56 -15.44 19.15
CA VAL B 84 12.72 -14.55 19.14
C VAL B 84 13.55 -14.68 20.43
N VAL B 85 12.99 -15.35 21.42
CA VAL B 85 13.67 -15.64 22.69
C VAL B 85 14.01 -17.15 22.85
N SER B 86 14.27 -17.84 21.75
CA SER B 86 14.75 -19.24 21.79
C SER B 86 15.69 -19.54 20.60
N PRO B 87 16.94 -19.05 20.67
CA PRO B 87 17.99 -19.21 19.63
C PRO B 87 18.17 -20.63 19.11
N SER B 88 17.71 -21.60 19.90
CA SER B 88 17.56 -22.99 19.45
C SER B 88 16.49 -23.09 18.36
N SER B 89 15.29 -22.60 18.66
CA SER B 89 14.18 -22.67 17.70
C SER B 89 14.53 -21.91 16.42
N PHE B 90 15.24 -20.79 16.58
CA PHE B 90 15.80 -20.00 15.46
C PHE B 90 16.83 -20.77 14.60
N GLU B 91 17.69 -21.52 15.30
CA GLU B 91 18.64 -22.41 14.65
C GLU B 91 17.89 -23.47 13.84
N ASN B 92 16.84 -24.05 14.43
CA ASN B 92 16.04 -25.12 13.79
C ASN B 92 15.18 -24.69 12.59
N VAL B 93 15.12 -23.38 12.34
CA VAL B 93 14.57 -22.85 11.10
C VAL B 93 15.39 -23.41 9.95
N LYS B 94 16.67 -23.07 9.97
CA LYS B 94 17.62 -23.52 8.97
C LYS B 94 17.70 -25.05 8.93
N GLU B 95 17.85 -25.66 10.11
CA GLU B 95 18.20 -27.08 10.21
C GLU B 95 17.06 -27.99 9.79
N LYS B 96 15.92 -27.87 10.46
CA LYS B 96 14.82 -28.83 10.31
C LYS B 96 13.74 -28.34 9.35
N TRP B 97 13.20 -27.17 9.67
CA TRP B 97 11.93 -26.72 9.13
C TRP B 97 12.01 -26.38 7.65
N VAL B 98 12.89 -25.44 7.30
CA VAL B 98 12.94 -24.95 5.90
C VAL B 98 13.20 -26.12 4.94
N PRO B 99 14.23 -26.94 5.23
CA PRO B 99 14.48 -28.15 4.43
C PRO B 99 13.22 -29.00 4.22
N GLU B 100 12.58 -29.37 5.33
CA GLU B 100 11.40 -30.21 5.30
C GLU B 100 10.37 -29.77 4.23
N ILE B 101 9.88 -28.53 4.39
CA ILE B 101 8.84 -27.96 3.50
C ILE B 101 9.35 -27.74 2.07
N THR B 102 10.64 -27.40 1.95
CA THR B 102 11.29 -27.25 0.66
C THR B 102 11.00 -28.49 -0.19
N HIS B 103 11.34 -29.66 0.36
CA HIS B 103 11.23 -30.91 -0.38
C HIS B 103 9.80 -31.22 -0.82
N HIS B 104 8.91 -31.36 0.16
CA HIS B 104 7.50 -31.65 -0.10
C HIS B 104 6.93 -30.64 -1.10
N CYS B 105 7.22 -29.36 -0.86
CA CYS B 105 6.65 -28.24 -1.62
C CYS B 105 7.75 -27.20 -1.95
N PRO B 106 8.42 -27.36 -3.12
CA PRO B 106 9.58 -26.50 -3.50
C PRO B 106 9.23 -25.10 -4.04
N LYS B 107 8.32 -25.05 -5.01
CA LYS B 107 7.88 -23.79 -5.58
C LYS B 107 7.04 -22.98 -4.59
N THR B 108 6.76 -23.57 -3.43
CA THR B 108 5.87 -22.95 -2.44
C THR B 108 6.62 -21.91 -1.62
N PRO B 109 5.98 -20.72 -1.47
CA PRO B 109 6.60 -19.64 -0.70
C PRO B 109 6.60 -19.86 0.82
N PHE B 110 7.31 -18.99 1.53
CA PHE B 110 7.30 -19.04 2.99
C PHE B 110 7.88 -17.78 3.62
N LEU B 111 7.20 -17.29 4.65
CA LEU B 111 7.67 -16.14 5.39
C LEU B 111 8.38 -16.62 6.63
N LEU B 112 9.37 -15.84 7.03
CA LEU B 112 10.01 -16.03 8.31
C LEU B 112 9.24 -15.23 9.34
N VAL B 113 9.07 -15.80 10.53
CA VAL B 113 8.22 -15.20 11.54
C VAL B 113 8.94 -15.27 12.87
N GLY B 114 9.15 -14.12 13.52
CA GLY B 114 9.61 -14.08 14.92
C GLY B 114 8.43 -13.94 15.87
N THR B 115 8.34 -14.80 16.91
CA THR B 115 7.18 -14.79 17.84
C THR B 115 7.55 -14.32 19.24
N GLN B 116 6.53 -14.13 20.09
CA GLN B 116 6.68 -13.70 21.49
C GLN B 116 7.75 -12.60 21.62
N ILE B 117 7.57 -11.53 20.85
CA ILE B 117 8.49 -10.37 20.84
C ILE B 117 8.30 -9.45 22.06
N ASP B 118 7.13 -9.57 22.70
CA ASP B 118 6.84 -8.93 24.01
C ASP B 118 7.80 -9.37 25.15
N LEU B 119 8.32 -10.59 25.02
CA LEU B 119 9.25 -11.17 26.01
C LEU B 119 10.73 -10.75 25.80
N ARG B 120 11.01 -9.96 24.76
CA ARG B 120 12.37 -9.48 24.56
C ARG B 120 12.88 -8.72 25.79
N ASP B 121 12.24 -7.60 26.11
CA ASP B 121 12.66 -6.77 27.24
C ASP B 121 12.28 -7.34 28.62
N ASP B 122 11.50 -8.43 28.63
CA ASP B 122 11.20 -9.12 29.87
C ASP B 122 12.54 -9.48 30.53
N PRO B 123 12.75 -9.02 31.79
CA PRO B 123 13.98 -9.36 32.53
C PRO B 123 14.14 -10.85 32.84
N SER B 124 13.04 -11.53 33.20
CA SER B 124 13.09 -12.94 33.67
C SER B 124 13.41 -13.93 32.57
N THR B 125 12.87 -13.69 31.37
CA THR B 125 13.22 -14.46 30.18
C THR B 125 14.62 -14.10 29.68
N ILE B 126 14.95 -12.80 29.72
CA ILE B 126 16.32 -12.32 29.45
C ILE B 126 17.34 -12.80 30.52
N GLU B 127 16.82 -13.12 31.70
CA GLU B 127 17.54 -13.82 32.76
C GLU B 127 17.71 -15.32 32.42
N LYS B 128 16.60 -15.99 32.10
CA LYS B 128 16.61 -17.43 31.73
C LYS B 128 17.65 -17.75 30.65
N LEU B 129 17.72 -16.88 29.64
CA LEU B 129 18.69 -17.01 28.54
C LEU B 129 20.12 -16.70 28.97
N ALA B 130 20.31 -15.63 29.73
CA ALA B 130 21.64 -15.30 30.28
C ALA B 130 22.25 -16.45 31.11
N LYS B 131 21.40 -17.29 31.73
CA LYS B 131 21.83 -18.48 32.51
C LYS B 131 22.41 -19.64 31.64
N ASN B 132 22.08 -19.65 30.35
CA ASN B 132 22.79 -20.46 29.32
C ASN B 132 23.70 -19.55 28.44
N LYS B 133 24.18 -18.43 29.01
CA LYS B 133 24.99 -17.42 28.29
C LYS B 133 24.51 -17.13 26.86
N GLN B 134 23.21 -16.83 26.74
CA GLN B 134 22.58 -16.51 25.45
C GLN B 134 21.71 -15.24 25.57
N LYS B 135 21.11 -14.83 24.46
CA LYS B 135 20.35 -13.56 24.37
C LYS B 135 19.21 -13.60 23.31
N PRO B 136 18.32 -12.57 23.31
CA PRO B 136 17.23 -12.48 22.32
C PRO B 136 17.66 -12.20 20.86
N ILE B 137 16.99 -12.85 19.92
CA ILE B 137 17.29 -12.67 18.49
C ILE B 137 16.81 -11.30 18.04
N THR B 138 17.68 -10.57 17.34
CA THR B 138 17.35 -9.24 16.80
C THR B 138 16.81 -9.34 15.36
N PRO B 139 16.09 -8.28 14.88
CA PRO B 139 15.58 -8.23 13.49
C PRO B 139 16.70 -8.18 12.44
N GLU B 140 17.75 -7.43 12.75
CA GLU B 140 18.97 -7.41 11.94
C GLU B 140 19.41 -8.85 11.60
N THR B 141 19.52 -9.67 12.64
CA THR B 141 19.84 -11.09 12.48
C THR B 141 18.78 -11.73 11.58
N ALA B 142 17.57 -11.87 12.11
CA ALA B 142 16.48 -12.62 11.47
C ALA B 142 16.40 -12.29 9.96
N GLU B 143 16.46 -11.00 9.62
CA GLU B 143 16.31 -10.54 8.22
C GLU B 143 17.49 -10.79 7.31
N LYS B 144 18.63 -11.17 7.89
CA LYS B 144 19.70 -11.74 7.11
C LYS B 144 19.33 -13.19 6.75
N LEU B 145 18.95 -13.98 7.76
CA LEU B 145 18.57 -15.39 7.55
C LEU B 145 17.47 -15.50 6.46
N ALA B 146 16.40 -14.69 6.60
CA ALA B 146 15.24 -14.71 5.68
C ALA B 146 15.62 -14.46 4.22
N ARG B 147 16.43 -13.43 3.99
CA ARG B 147 16.95 -13.11 2.67
C ARG B 147 17.74 -14.30 2.11
N ASP B 148 18.57 -14.89 2.96
CA ASP B 148 19.47 -15.97 2.57
C ASP B 148 18.79 -17.33 2.32
N LEU B 149 17.55 -17.52 2.77
CA LEU B 149 17.07 -18.89 3.03
C LEU B 149 15.92 -19.62 2.26
N LYS B 150 15.15 -19.04 1.35
CA LYS B 150 15.30 -17.74 0.75
C LYS B 150 13.89 -17.18 0.70
N ALA B 151 13.41 -16.76 1.88
CA ALA B 151 12.01 -16.42 2.12
C ALA B 151 11.50 -15.25 1.29
N VAL B 152 10.18 -15.05 1.37
CA VAL B 152 9.53 -13.86 0.82
C VAL B 152 9.96 -12.65 1.66
N LYS B 153 9.84 -12.78 2.98
CA LYS B 153 10.35 -11.78 3.92
C LYS B 153 10.32 -12.30 5.35
N TYR B 154 10.85 -11.47 6.24
CA TYR B 154 10.75 -11.69 7.67
C TYR B 154 9.66 -10.82 8.25
N VAL B 155 8.87 -11.42 9.14
CA VAL B 155 7.85 -10.70 9.90
C VAL B 155 7.92 -11.13 11.37
N GLU B 156 7.37 -10.29 12.25
CA GLU B 156 7.41 -10.56 13.69
C GLU B 156 6.22 -9.96 14.43
N CYS B 157 5.87 -10.61 15.54
CA CYS B 157 4.62 -10.34 16.22
C CYS B 157 4.56 -10.91 17.66
N SER B 158 3.63 -10.36 18.44
CA SER B 158 3.28 -10.87 19.78
C SER B 158 1.83 -11.36 19.73
N ALA B 159 1.61 -12.66 19.91
CA ALA B 159 0.24 -13.19 19.96
C ALA B 159 -0.52 -12.52 21.10
N LEU B 160 0.20 -12.23 22.20
CA LEU B 160 -0.37 -11.63 23.42
C LEU B 160 -0.84 -10.19 23.22
N THR B 161 0.10 -9.30 22.89
CA THR B 161 -0.22 -7.87 22.70
C THR B 161 -0.94 -7.62 21.36
N GLN B 162 -0.92 -8.63 20.46
CA GLN B 162 -1.37 -8.55 19.05
C GLN B 162 -0.62 -7.48 18.28
N LYS B 163 0.62 -7.18 18.71
CA LYS B 163 1.47 -6.24 17.98
C LYS B 163 2.08 -6.91 16.73
N GLY B 164 1.86 -6.31 15.57
CA GLY B 164 2.39 -6.84 14.29
C GLY B 164 1.70 -8.10 13.77
N LEU B 165 0.73 -8.61 14.52
CA LEU B 165 0.06 -9.88 14.23
C LEU B 165 -0.64 -9.90 12.83
N LYS B 166 -1.68 -9.09 12.65
CA LYS B 166 -2.45 -9.05 11.39
C LYS B 166 -1.51 -9.01 10.17
N ASN B 167 -0.55 -8.08 10.22
CA ASN B 167 0.44 -7.88 9.15
C ASN B 167 1.11 -9.17 8.65
N VAL B 168 1.57 -10.00 9.58
CA VAL B 168 2.08 -11.34 9.25
C VAL B 168 1.09 -12.04 8.30
N PHE B 169 -0.16 -12.14 8.76
CA PHE B 169 -1.21 -12.80 8.01
C PHE B 169 -1.59 -12.04 6.77
N ASP B 170 -1.46 -10.72 6.83
CA ASP B 170 -1.71 -9.86 5.66
C ASP B 170 -0.69 -10.14 4.56
N GLU B 171 0.58 -10.28 4.94
CA GLU B 171 1.66 -10.51 3.99
C GLU B 171 1.66 -11.92 3.43
N ALA B 172 1.31 -12.88 4.28
CA ALA B 172 1.15 -14.24 3.84
C ALA B 172 0.12 -14.33 2.70
N ILE B 173 -1.09 -13.82 2.95
CA ILE B 173 -2.12 -13.75 1.92
C ILE B 173 -1.49 -13.22 0.62
N LEU B 174 -0.94 -11.99 0.67
CA LEU B 174 -0.25 -11.39 -0.49
C LEU B 174 0.67 -12.38 -1.14
N ALA B 175 1.48 -13.02 -0.32
CA ALA B 175 2.41 -14.01 -0.81
C ALA B 175 1.66 -15.16 -1.53
N ALA B 176 0.60 -15.66 -0.90
CA ALA B 176 -0.16 -16.78 -1.44
C ALA B 176 -0.78 -16.39 -2.78
N LEU B 177 -1.60 -15.35 -2.75
CA LEU B 177 -2.28 -14.90 -3.95
C LEU B 177 -1.24 -14.40 -4.96
#